data_3TR0
#
_entry.id   3TR0
#
_cell.length_a   67.834
_cell.length_b   45.899
_cell.length_c   70.042
_cell.angle_alpha   90.00
_cell.angle_beta   90.35
_cell.angle_gamma   90.00
#
_symmetry.space_group_name_H-M   'C 1 2 1'
#
loop_
_entity.id
_entity.type
_entity.pdbx_description
1 polymer 'Guanylate kinase'
2 non-polymer 'SULFATE ION'
3 non-polymer "GUANOSINE-5'-MONOPHOSPHATE"
4 water water
#
_entity_poly.entity_id   1
_entity_poly.type   'polypeptide(L)'
_entity_poly.pdbx_seq_one_letter_code
;SNA(MSE)NKANLFIISAPSGAGKTSLVRALVKALAEIKISISHTTRPKRPGDQEGVDYFFIDETRFQA(MSE)VKEGAF
LEHATIYERHYGTEKDWVLRQLKAGRDVLLEIDWQGARQIRELFPPALSIFILPPSIEALRERLIKRRQDDTAIIEQRLA
LAREE(MSE)AHYKEFDYLVVNDNFDQAVQNLIHIISAERLQRDVQEKKLSRLLAEL
;
_entity_poly.pdbx_strand_id   A
#
# COMPACT_ATOMS: atom_id res chain seq x y z
N ASN A 5 17.08 2.93 -11.10
CA ASN A 5 17.92 1.90 -10.48
C ASN A 5 18.29 2.20 -9.02
N LYS A 6 17.49 3.06 -8.40
CA LYS A 6 17.51 3.18 -6.94
C LYS A 6 16.07 3.09 -6.47
N ALA A 7 15.53 1.88 -6.53
CA ALA A 7 14.12 1.64 -6.28
C ALA A 7 13.74 1.92 -4.83
N ASN A 8 12.48 2.28 -4.61
CA ASN A 8 12.02 2.66 -3.29
C ASN A 8 10.72 1.94 -2.97
N LEU A 9 10.34 1.99 -1.70
CA LEU A 9 9.03 1.48 -1.27
C LEU A 9 8.06 2.65 -1.13
N PHE A 10 6.85 2.48 -1.64
CA PHE A 10 5.82 3.50 -1.52
C PHE A 10 4.66 2.93 -0.76
N ILE A 11 4.49 3.38 0.49
CA ILE A 11 3.46 2.86 1.37
C ILE A 11 2.17 3.64 1.11
N ILE A 12 1.07 2.91 0.89
CA ILE A 12 -0.22 3.53 0.70
C ILE A 12 -1.17 3.05 1.79
N SER A 13 -1.66 3.97 2.62
CA SER A 13 -2.58 3.59 3.70
C SER A 13 -3.87 4.41 3.62
N ALA A 14 -4.97 3.83 4.09
CA ALA A 14 -6.25 4.50 4.07
C ALA A 14 -7.27 3.70 4.87
N PRO A 15 -8.31 4.36 5.38
CA PRO A 15 -9.37 3.62 6.06
C PRO A 15 -10.10 2.76 5.04
N SER A 16 -10.69 1.65 5.49
CA SER A 16 -11.47 0.81 4.59
C SER A 16 -12.60 1.64 3.99
N GLY A 17 -12.84 1.46 2.70
CA GLY A 17 -13.90 2.19 2.01
C GLY A 17 -13.44 3.49 1.38
N ALA A 18 -12.14 3.76 1.40
CA ALA A 18 -11.62 5.01 0.86
C ALA A 18 -11.31 4.91 -0.64
N GLY A 19 -11.38 3.70 -1.19
CA GLY A 19 -11.15 3.50 -2.60
C GLY A 19 -9.69 3.32 -2.95
N LYS A 20 -8.90 2.95 -1.94
CA LYS A 20 -7.47 2.81 -2.10
C LYS A 20 -7.07 1.72 -3.09
N THR A 21 -7.66 0.54 -2.97
CA THR A 21 -7.30 -0.55 -3.85
C THR A 21 -7.45 -0.16 -5.33
N SER A 22 -8.57 0.49 -5.66
CA SER A 22 -8.82 0.90 -7.04
C SER A 22 -7.81 1.94 -7.52
N LEU A 23 -7.47 2.89 -6.66
CA LEU A 23 -6.49 3.92 -7.00
C LEU A 23 -5.14 3.29 -7.32
N VAL A 24 -4.70 2.40 -6.45
CA VAL A 24 -3.40 1.75 -6.61
C VAL A 24 -3.33 0.94 -7.89
N ARG A 25 -4.43 0.28 -8.24
CA ARG A 25 -4.47 -0.51 -9.47
C ARG A 25 -4.37 0.36 -10.73
N ALA A 26 -4.99 1.54 -10.69
CA ALA A 26 -4.88 2.47 -11.81
C ALA A 26 -3.47 3.08 -11.86
N LEU A 27 -2.90 3.33 -10.70
CA LEU A 27 -1.54 3.87 -10.62
C LEU A 27 -0.53 3.01 -11.36
N VAL A 28 -0.59 1.70 -11.12
CA VAL A 28 0.37 0.79 -11.74
C VAL A 28 0.16 0.65 -13.24
N LYS A 29 -1.04 1.00 -13.70
CA LYS A 29 -1.33 0.96 -15.13
C LYS A 29 -0.78 2.20 -15.83
N ALA A 30 -0.67 3.29 -15.08
CA ALA A 30 -0.21 4.56 -15.63
C ALA A 30 1.31 4.73 -15.59
N LEU A 31 1.97 4.02 -14.68
CA LEU A 31 3.41 4.14 -14.50
C LEU A 31 4.14 2.86 -14.86
N ALA A 32 5.38 3.00 -15.30
CA ALA A 32 6.24 1.86 -15.56
C ALA A 32 7.15 1.60 -14.37
N GLU A 33 7.71 0.41 -14.30
CA GLU A 33 8.74 0.05 -13.32
C GLU A 33 8.26 0.18 -11.88
N ILE A 34 7.00 -0.17 -11.63
CA ILE A 34 6.45 -0.17 -10.30
C ILE A 34 5.43 -1.29 -10.18
N LYS A 35 5.52 -2.08 -9.11
CA LYS A 35 4.62 -3.21 -8.94
C LYS A 35 4.01 -3.23 -7.54
N ILE A 36 2.82 -3.82 -7.44
CA ILE A 36 2.12 -3.91 -6.17
C ILE A 36 2.44 -5.21 -5.44
N SER A 37 2.88 -5.10 -4.21
CA SER A 37 3.07 -6.29 -3.38
C SER A 37 1.73 -6.93 -3.07
N ILE A 38 1.59 -8.22 -3.39
CA ILE A 38 0.40 -8.97 -3.02
C ILE A 38 0.62 -9.60 -1.66
N SER A 39 -0.21 -9.18 -0.70
CA SER A 39 -0.05 -9.59 0.69
C SER A 39 -0.58 -10.99 0.97
N HIS A 40 -0.09 -11.59 2.05
CA HIS A 40 -0.69 -12.78 2.62
C HIS A 40 -1.67 -12.35 3.70
N THR A 41 -2.78 -13.07 3.82
CA THR A 41 -3.78 -12.75 4.83
C THR A 41 -4.55 -14.00 5.29
N THR A 42 -4.98 -13.98 6.54
CA THR A 42 -5.82 -15.04 7.09
C THR A 42 -7.28 -14.64 6.97
N ARG A 43 -7.52 -13.41 6.54
CA ARG A 43 -8.87 -12.93 6.33
C ARG A 43 -9.56 -13.86 5.33
N PRO A 44 -10.76 -14.34 5.67
CA PRO A 44 -11.40 -15.32 4.80
C PRO A 44 -11.56 -14.82 3.37
N LYS A 45 -11.29 -15.69 2.40
CA LYS A 45 -11.46 -15.35 1.00
C LYS A 45 -12.93 -15.07 0.71
N ARG A 46 -13.21 -13.91 0.15
CA ARG A 46 -14.59 -13.49 -0.11
C ARG A 46 -15.00 -13.83 -1.54
N PRO A 47 -16.32 -13.92 -1.79
CA PRO A 47 -16.78 -14.06 -3.17
C PRO A 47 -16.26 -12.90 -4.01
N GLY A 48 -15.65 -13.21 -5.14
CA GLY A 48 -15.06 -12.17 -5.98
C GLY A 48 -13.54 -12.14 -5.89
N ASP A 49 -13.01 -12.53 -4.72
CA ASP A 49 -11.57 -12.54 -4.51
C ASP A 49 -10.89 -13.60 -5.36
N GLN A 50 -9.68 -13.29 -5.82
CA GLN A 50 -8.89 -14.22 -6.60
C GLN A 50 -7.52 -14.46 -5.98
N GLU A 51 -7.19 -15.73 -5.74
CA GLU A 51 -5.90 -16.11 -5.19
C GLU A 51 -4.76 -15.55 -6.06
N GLY A 52 -3.81 -14.88 -5.41
CA GLY A 52 -2.67 -14.31 -6.12
C GLY A 52 -2.97 -13.01 -6.82
N VAL A 53 -4.22 -12.57 -6.75
CA VAL A 53 -4.62 -11.30 -7.36
C VAL A 53 -4.95 -10.28 -6.28
N ASP A 54 -5.88 -10.65 -5.40
CA ASP A 54 -6.26 -9.79 -4.29
C ASP A 54 -5.31 -10.04 -3.12
N TYR A 55 -5.10 -11.31 -2.80
CA TYR A 55 -4.20 -11.72 -1.74
C TYR A 55 -3.73 -13.13 -2.01
N PHE A 56 -2.71 -13.55 -1.26
CA PHE A 56 -2.43 -14.95 -1.10
C PHE A 56 -3.20 -15.36 0.14
N PHE A 57 -4.30 -16.08 -0.05
CA PHE A 57 -5.15 -16.45 1.07
C PHE A 57 -4.64 -17.72 1.73
N ILE A 58 -4.33 -17.62 3.02
CA ILE A 58 -3.84 -18.76 3.78
C ILE A 58 -4.53 -18.83 5.14
N ASP A 59 -4.25 -19.89 5.89
CA ASP A 59 -4.83 -20.02 7.23
C ASP A 59 -3.89 -19.53 8.31
N GLU A 60 -4.40 -19.45 9.55
CA GLU A 60 -3.62 -18.99 10.69
C GLU A 60 -2.36 -19.81 10.91
N THR A 61 -2.47 -21.12 10.73
CA THR A 61 -1.34 -22.01 10.91
C THR A 61 -0.20 -21.64 9.97
N ARG A 62 -0.54 -21.48 8.69
CA ARG A 62 0.42 -21.02 7.69
C ARG A 62 0.99 -19.64 8.03
N PHE A 63 0.12 -18.71 8.39
CA PHE A 63 0.55 -17.34 8.65
C PHE A 63 1.47 -17.28 9.87
N GLN A 64 1.07 -17.96 10.94
CA GLN A 64 1.86 -17.98 12.15
C GLN A 64 3.24 -18.56 11.86
N ALA A 65 3.26 -19.63 11.06
CA ALA A 65 4.51 -20.21 10.62
C ALA A 65 5.41 -19.15 10.00
N VAL A 67 5.38 -15.99 10.29
CA VAL A 67 5.79 -15.02 11.29
C VAL A 67 7.01 -15.51 12.08
N LYS A 68 6.92 -16.73 12.60
CA LYS A 68 8.03 -17.32 13.36
C LYS A 68 9.26 -17.52 12.49
N GLU A 69 9.05 -17.81 11.22
CA GLU A 69 10.14 -18.05 10.27
C GLU A 69 10.81 -16.74 9.84
N GLY A 70 10.09 -15.62 10.02
CA GLY A 70 10.59 -14.33 9.61
C GLY A 70 10.38 -14.04 8.14
N ALA A 71 9.41 -14.73 7.54
CA ALA A 71 9.13 -14.61 6.12
C ALA A 71 8.52 -13.27 5.75
N PHE A 72 8.06 -12.52 6.75
CA PHE A 72 7.42 -11.24 6.48
C PHE A 72 8.35 -10.05 6.69
N LEU A 73 8.29 -9.10 5.76
CA LEU A 73 9.01 -7.85 5.90
C LEU A 73 8.29 -7.01 6.94
N GLU A 74 7.00 -7.30 7.05
CA GLU A 74 6.08 -6.51 7.83
C GLU A 74 4.84 -7.36 8.06
N HIS A 75 4.27 -7.29 9.26
CA HIS A 75 3.00 -7.98 9.53
C HIS A 75 2.22 -7.32 10.66
N ALA A 76 0.90 -7.44 10.62
CA ALA A 76 0.05 -6.80 11.60
C ALA A 76 -1.25 -7.55 11.76
N THR A 77 -1.94 -7.27 12.86
CA THR A 77 -3.27 -7.81 13.09
C THR A 77 -4.31 -6.71 12.94
N ILE A 78 -5.32 -6.99 12.12
CA ILE A 78 -6.36 -6.01 11.82
C ILE A 78 -7.73 -6.68 11.86
N TYR A 79 -8.62 -6.14 12.70
CA TYR A 79 -9.93 -6.75 12.89
C TYR A 79 -9.80 -8.25 13.10
N GLU A 80 -8.92 -8.63 14.02
CA GLU A 80 -8.75 -10.04 14.40
C GLU A 80 -8.28 -10.96 13.28
N ARG A 81 -7.75 -10.37 12.21
CA ARG A 81 -7.18 -11.16 11.12
C ARG A 81 -5.74 -10.73 10.90
N HIS A 82 -4.98 -11.56 10.18
CA HIS A 82 -3.56 -11.31 9.99
C HIS A 82 -3.25 -10.96 8.55
N TYR A 83 -2.38 -9.98 8.37
CA TYR A 83 -1.92 -9.55 7.06
C TYR A 83 -0.41 -9.31 7.10
N GLY A 84 0.30 -9.64 6.03
CA GLY A 84 1.72 -9.42 6.00
C GLY A 84 2.30 -9.28 4.60
N THR A 85 3.46 -8.64 4.51
CA THR A 85 4.17 -8.46 3.26
C THR A 85 5.33 -9.45 3.18
N GLU A 86 5.24 -10.40 2.26
CA GLU A 86 6.30 -11.38 2.07
C GLU A 86 7.58 -10.64 1.66
N LYS A 87 8.65 -10.88 2.41
CA LYS A 87 9.88 -10.09 2.28
C LYS A 87 10.65 -10.32 0.98
N ASP A 88 10.78 -11.58 0.58
CA ASP A 88 11.65 -11.90 -0.54
C ASP A 88 11.18 -11.31 -1.87
N TRP A 89 9.87 -11.35 -2.09
CA TRP A 89 9.34 -10.83 -3.35
C TRP A 89 9.67 -9.34 -3.49
N VAL A 90 9.52 -8.60 -2.41
CA VAL A 90 9.78 -7.17 -2.41
C VAL A 90 11.25 -6.89 -2.75
N LEU A 91 12.15 -7.59 -2.08
CA LEU A 91 13.58 -7.38 -2.29
C LEU A 91 14.01 -7.75 -3.71
N ARG A 92 13.39 -8.78 -4.29
CA ARG A 92 13.66 -9.13 -5.68
C ARG A 92 13.30 -7.98 -6.63
N GLN A 93 12.16 -7.35 -6.37
CA GLN A 93 11.71 -6.21 -7.18
C GLN A 93 12.66 -5.03 -7.08
N LEU A 94 13.05 -4.70 -5.86
CA LEU A 94 13.99 -3.60 -5.64
C LEU A 94 15.31 -3.87 -6.35
N LYS A 95 15.78 -5.12 -6.26
CA LYS A 95 17.01 -5.54 -6.92
C LYS A 95 16.91 -5.36 -8.43
N ALA A 96 15.73 -5.63 -8.96
CA ALA A 96 15.51 -5.52 -10.40
C ALA A 96 15.31 -4.07 -10.84
N GLY A 97 15.28 -3.16 -9.86
CA GLY A 97 15.16 -1.74 -10.15
C GLY A 97 13.72 -1.27 -10.22
N ARG A 98 12.80 -2.07 -9.70
CA ARG A 98 11.38 -1.71 -9.71
C ARG A 98 10.95 -1.20 -8.35
N ASP A 99 10.26 -0.07 -8.33
CA ASP A 99 9.64 0.44 -7.11
C ASP A 99 8.53 -0.51 -6.70
N VAL A 100 8.21 -0.52 -5.41
CA VAL A 100 7.18 -1.41 -4.91
C VAL A 100 6.14 -0.64 -4.14
N LEU A 101 4.87 -0.91 -4.44
CA LEU A 101 3.75 -0.32 -3.72
C LEU A 101 3.31 -1.25 -2.62
N LEU A 102 3.21 -0.73 -1.41
CA LEU A 102 2.74 -1.52 -0.27
C LEU A 102 1.41 -0.96 0.22
N GLU A 103 0.33 -1.69 -0.01
CA GLU A 103 -0.97 -1.30 0.50
C GLU A 103 -1.13 -1.91 1.87
N ILE A 104 -0.70 -1.19 2.90
CA ILE A 104 -0.65 -1.74 4.25
C ILE A 104 -1.21 -0.72 5.25
N ASP A 105 -1.55 -1.18 6.45
CA ASP A 105 -2.16 -0.29 7.44
C ASP A 105 -1.10 0.52 8.17
N TRP A 106 -1.53 1.31 9.14
CA TRP A 106 -0.61 2.21 9.84
C TRP A 106 0.45 1.47 10.65
N GLN A 107 0.08 0.30 11.17
CA GLN A 107 1.01 -0.53 11.93
C GLN A 107 2.12 -1.03 11.02
N GLY A 108 1.75 -1.52 9.84
CA GLY A 108 2.73 -1.98 8.88
C GLY A 108 3.63 -0.85 8.43
N ALA A 109 3.03 0.33 8.24
CA ALA A 109 3.79 1.51 7.82
C ALA A 109 4.92 1.81 8.80
N ARG A 110 4.61 1.82 10.10
CA ARG A 110 5.62 2.05 11.11
C ARG A 110 6.79 1.08 10.99
N GLN A 111 6.49 -0.19 10.71
CA GLN A 111 7.52 -1.21 10.57
C GLN A 111 8.41 -0.94 9.37
N ILE A 112 7.79 -0.63 8.24
CA ILE A 112 8.53 -0.37 7.01
C ILE A 112 9.44 0.86 7.14
N ARG A 113 8.92 1.92 7.75
CA ARG A 113 9.72 3.14 7.95
C ARG A 113 10.99 2.85 8.73
N GLU A 114 10.89 1.99 9.74
CA GLU A 114 12.05 1.59 10.53
C GLU A 114 13.02 0.79 9.67
N LEU A 115 12.48 -0.16 8.92
CA LEU A 115 13.28 -1.13 8.19
C LEU A 115 13.87 -0.59 6.88
N PHE A 116 13.22 0.41 6.30
CA PHE A 116 13.65 0.96 5.01
C PHE A 116 13.41 2.46 5.00
N PRO A 117 14.35 3.23 5.57
CA PRO A 117 14.24 4.67 5.79
C PRO A 117 13.84 5.51 4.58
N PRO A 118 14.34 5.20 3.37
CA PRO A 118 13.99 6.04 2.22
C PRO A 118 12.51 5.96 1.85
N ALA A 119 11.79 4.97 2.40
CA ALA A 119 10.38 4.77 2.06
C ALA A 119 9.52 6.03 2.20
N LEU A 120 8.65 6.24 1.22
CA LEU A 120 7.70 7.34 1.28
C LEU A 120 6.31 6.78 1.58
N SER A 121 5.54 7.50 2.38
CA SER A 121 4.21 7.03 2.74
C SER A 121 3.14 8.05 2.35
N ILE A 122 2.02 7.54 1.83
CA ILE A 122 0.92 8.36 1.35
C ILE A 122 -0.37 7.90 2.03
N PHE A 123 -1.12 8.83 2.61
CA PHE A 123 -2.39 8.50 3.23
C PHE A 123 -3.55 9.00 2.37
N ILE A 124 -4.46 8.09 2.02
CA ILE A 124 -5.61 8.46 1.21
C ILE A 124 -6.80 8.80 2.11
N LEU A 125 -7.31 10.02 1.97
CA LEU A 125 -8.44 10.48 2.75
C LEU A 125 -9.73 10.43 1.93
N PRO A 126 -10.83 10.03 2.57
CA PRO A 126 -12.14 10.13 1.91
C PRO A 126 -12.59 11.58 1.97
N PRO A 127 -13.52 11.99 1.11
CA PRO A 127 -14.03 13.37 1.14
C PRO A 127 -15.01 13.57 2.29
N SER A 128 -15.43 12.48 2.92
CA SER A 128 -16.32 12.53 4.07
C SER A 128 -16.42 11.16 4.72
N ILE A 129 -16.87 11.12 5.97
CA ILE A 129 -17.11 9.85 6.64
C ILE A 129 -18.22 9.09 5.91
N GLU A 130 -19.21 9.84 5.42
CA GLU A 130 -20.33 9.22 4.73
C GLU A 130 -19.89 8.50 3.45
N ALA A 131 -18.84 9.00 2.81
CA ALA A 131 -18.29 8.36 1.63
C ALA A 131 -17.80 6.95 1.93
N LEU A 132 -17.19 6.76 3.10
CA LEU A 132 -16.74 5.45 3.53
C LEU A 132 -17.92 4.49 3.71
N ARG A 133 -18.94 4.95 4.43
CA ARG A 133 -20.11 4.12 4.69
C ARG A 133 -20.79 3.73 3.38
N GLU A 134 -20.95 4.70 2.49
CA GLU A 134 -21.51 4.45 1.18
C GLU A 134 -20.76 3.38 0.41
N ARG A 135 -19.45 3.55 0.27
CA ARG A 135 -18.64 2.59 -0.47
C ARG A 135 -18.66 1.20 0.17
N LEU A 136 -18.61 1.17 1.50
CA LEU A 136 -18.60 -0.11 2.21
C LEU A 136 -19.94 -0.84 2.11
N ILE A 137 -21.03 -0.12 2.31
CA ILE A 137 -22.36 -0.72 2.22
C ILE A 137 -22.59 -1.34 0.85
N LYS A 138 -22.09 -0.67 -0.20
CA LYS A 138 -22.30 -1.14 -1.56
C LYS A 138 -21.52 -2.39 -1.91
N ARG A 139 -20.60 -2.78 -1.02
CA ARG A 139 -19.87 -4.03 -1.19
C ARG A 139 -20.70 -5.16 -0.61
N ARG A 140 -21.57 -5.73 -1.43
CA ARG A 140 -22.48 -6.78 -0.98
C ARG A 140 -21.73 -7.99 -0.44
N GLN A 141 -20.44 -8.07 -0.75
CA GLN A 141 -19.59 -9.16 -0.28
C GLN A 141 -19.33 -9.05 1.22
N ASP A 142 -19.49 -7.85 1.76
CA ASP A 142 -19.21 -7.60 3.17
C ASP A 142 -20.48 -7.62 4.02
N ASP A 143 -20.34 -8.10 5.24
CA ASP A 143 -21.45 -8.13 6.19
C ASP A 143 -21.84 -6.70 6.57
N THR A 144 -23.14 -6.42 6.59
CA THR A 144 -23.62 -5.07 6.84
C THR A 144 -23.81 -4.78 8.34
N ALA A 145 -23.29 -5.67 9.18
CA ALA A 145 -23.39 -5.49 10.62
C ALA A 145 -22.05 -5.06 11.21
N ILE A 146 -20.97 -5.51 10.58
CA ILE A 146 -19.63 -5.15 11.03
C ILE A 146 -19.29 -3.71 10.63
N ILE A 147 -20.24 -3.05 9.97
CA ILE A 147 -20.04 -1.70 9.46
C ILE A 147 -19.67 -0.72 10.57
N GLU A 148 -20.50 -0.65 11.61
CA GLU A 148 -20.27 0.27 12.71
C GLU A 148 -18.93 -0.03 13.38
N GLN A 149 -18.49 -1.27 13.25
CA GLN A 149 -17.19 -1.69 13.77
C GLN A 149 -16.06 -1.27 12.84
N ARG A 150 -16.29 -1.43 11.53
CA ARG A 150 -15.30 -1.05 10.53
C ARG A 150 -15.12 0.46 10.47
N LEU A 151 -16.21 1.20 10.64
CA LEU A 151 -16.14 2.66 10.63
C LEU A 151 -15.39 3.19 11.85
N ALA A 152 -15.56 2.51 12.98
CA ALA A 152 -14.82 2.86 14.19
C ALA A 152 -13.33 2.64 13.96
N LEU A 153 -12.98 1.54 13.30
CA LEU A 153 -11.58 1.27 12.97
C LEU A 153 -11.05 2.25 11.93
N ALA A 154 -11.95 2.82 11.14
CA ALA A 154 -11.57 3.77 10.10
C ALA A 154 -11.15 5.11 10.71
N ARG A 155 -11.87 5.55 11.74
CA ARG A 155 -11.55 6.80 12.40
C ARG A 155 -10.24 6.69 13.17
N GLU A 156 -9.95 5.49 13.67
CA GLU A 156 -8.70 5.24 14.38
C GLU A 156 -7.54 5.14 13.41
N GLU A 157 -7.80 4.57 12.25
CA GLU A 157 -6.80 4.53 11.19
C GLU A 157 -6.48 5.96 10.77
N ALA A 159 -6.73 8.75 12.42
CA ALA A 159 -6.02 9.51 13.44
C ALA A 159 -4.50 9.39 13.28
N HIS A 160 -4.07 8.39 12.53
CA HIS A 160 -2.64 8.15 12.31
C HIS A 160 -2.08 8.88 11.08
N TYR A 161 -2.89 9.75 10.47
CA TYR A 161 -2.47 10.39 9.22
C TYR A 161 -1.21 11.24 9.39
N LYS A 162 -0.95 11.67 10.63
CA LYS A 162 0.19 12.52 10.92
C LYS A 162 1.54 11.81 10.75
N GLU A 163 1.50 10.50 10.61
CA GLU A 163 2.73 9.71 10.47
C GLU A 163 3.16 9.59 9.01
N PHE A 164 2.37 10.17 8.11
CA PHE A 164 2.58 9.97 6.68
C PHE A 164 3.18 11.19 6.00
N ASP A 165 3.90 10.96 4.90
CA ASP A 165 4.58 12.04 4.19
C ASP A 165 3.65 12.90 3.35
N TYR A 166 2.63 12.27 2.77
CA TYR A 166 1.72 12.94 1.85
C TYR A 166 0.29 12.60 2.21
N LEU A 167 -0.61 13.53 1.96
CA LEU A 167 -2.04 13.27 2.08
C LEU A 167 -2.72 13.52 0.73
N VAL A 168 -3.53 12.55 0.28
CA VAL A 168 -4.25 12.71 -0.98
C VAL A 168 -5.73 12.42 -0.77
N VAL A 169 -6.59 13.32 -1.23
CA VAL A 169 -8.03 13.14 -1.06
C VAL A 169 -8.64 12.43 -2.27
N ASN A 170 -9.38 11.35 -2.02
CA ASN A 170 -10.03 10.64 -3.10
C ASN A 170 -11.45 11.14 -3.33
N ASP A 171 -11.56 12.35 -3.86
CA ASP A 171 -12.87 12.94 -4.17
C ASP A 171 -13.14 12.85 -5.66
N ASN A 172 -12.08 12.84 -6.45
CA ASN A 172 -12.18 12.59 -7.89
C ASN A 172 -11.12 11.57 -8.29
N PHE A 173 -11.55 10.44 -8.82
CA PHE A 173 -10.64 9.34 -9.11
C PHE A 173 -9.44 9.73 -9.97
N ASP A 174 -9.71 10.36 -11.11
CA ASP A 174 -8.64 10.76 -12.02
C ASP A 174 -7.64 11.71 -11.35
N GLN A 175 -8.15 12.66 -10.59
CA GLN A 175 -7.28 13.65 -9.95
C GLN A 175 -6.42 12.99 -8.86
N ALA A 176 -7.03 12.08 -8.11
CA ALA A 176 -6.30 11.36 -7.07
C ALA A 176 -5.20 10.49 -7.66
N VAL A 177 -5.51 9.79 -8.74
CA VAL A 177 -4.49 9.01 -9.45
C VAL A 177 -3.36 9.94 -9.91
N GLN A 178 -3.73 11.05 -10.54
CA GLN A 178 -2.73 12.00 -11.01
C GLN A 178 -1.84 12.52 -9.88
N ASN A 179 -2.42 12.69 -8.70
CA ASN A 179 -1.62 13.14 -7.55
C ASN A 179 -0.65 12.06 -7.07
N LEU A 180 -1.10 10.82 -7.08
CA LEU A 180 -0.20 9.71 -6.77
C LEU A 180 0.96 9.67 -7.77
N ILE A 181 0.64 9.94 -9.04
CA ILE A 181 1.68 9.96 -10.08
C ILE A 181 2.70 11.07 -9.83
N HIS A 182 2.24 12.24 -9.43
CA HIS A 182 3.15 13.33 -9.08
C HIS A 182 4.13 12.88 -7.99
N ILE A 183 3.60 12.22 -6.97
CA ILE A 183 4.40 11.86 -5.80
C ILE A 183 5.49 10.85 -6.16
N ILE A 184 5.13 9.82 -6.90
N ILE A 184 5.13 9.81 -6.89
CA ILE A 184 6.09 8.80 -7.32
CA ILE A 184 6.12 8.81 -7.30
C ILE A 184 7.09 9.39 -8.31
C ILE A 184 7.10 9.39 -8.31
N SER A 185 6.58 10.20 -9.25
CA SER A 185 7.41 10.80 -10.28
C SER A 185 8.46 11.74 -9.68
N ALA A 186 8.07 12.50 -8.66
CA ALA A 186 8.99 13.41 -7.98
C ALA A 186 10.07 12.64 -7.23
N GLU A 187 9.69 11.55 -6.58
CA GLU A 187 10.67 10.73 -5.87
C GLU A 187 11.77 10.28 -6.82
N ARG A 188 11.37 9.94 -8.04
CA ARG A 188 12.29 9.40 -9.03
C ARG A 188 13.21 10.46 -9.60
N LEU A 189 12.96 11.72 -9.23
CA LEU A 189 13.80 12.83 -9.68
C LEU A 189 14.71 13.32 -8.54
N GLN A 190 14.63 12.68 -7.38
CA GLN A 190 15.47 13.04 -6.26
C GLN A 190 16.94 12.83 -6.58
N ARG A 191 17.80 13.67 -6.00
CA ARG A 191 19.24 13.59 -6.27
C ARG A 191 19.78 12.19 -5.99
N ASP A 192 19.35 11.58 -4.89
CA ASP A 192 19.86 10.25 -4.55
C ASP A 192 19.52 9.22 -5.63
N VAL A 193 18.31 9.28 -6.15
CA VAL A 193 17.89 8.39 -7.23
C VAL A 193 18.61 8.72 -8.54
N GLN A 194 18.75 10.01 -8.81
CA GLN A 194 19.35 10.47 -10.06
C GLN A 194 20.86 10.23 -10.16
N GLU A 195 21.55 10.21 -9.02
N GLU A 195 21.55 10.23 -9.02
CA GLU A 195 22.98 9.92 -9.03
CA GLU A 195 22.97 9.92 -9.01
C GLU A 195 23.25 8.52 -9.56
C GLU A 195 23.19 8.57 -9.69
N LYS A 196 22.23 7.67 -9.54
CA LYS A 196 22.33 6.34 -10.11
C LYS A 196 21.86 6.33 -11.56
N LYS A 197 20.64 6.79 -11.81
CA LYS A 197 20.07 6.78 -13.15
C LYS A 197 20.83 7.64 -14.15
N LEU A 198 21.42 8.74 -13.69
CA LEU A 198 22.15 9.63 -14.57
C LEU A 198 23.66 9.46 -14.48
N SER A 199 24.10 8.27 -14.07
CA SER A 199 25.51 8.01 -13.85
C SER A 199 26.38 8.37 -15.06
N ARG A 200 25.92 7.97 -16.24
CA ARG A 200 26.68 8.19 -17.48
C ARG A 200 26.76 9.67 -17.82
N LEU A 201 25.64 10.36 -17.73
CA LEU A 201 25.56 11.78 -18.03
C LEU A 201 26.41 12.59 -17.05
N LEU A 202 26.21 12.35 -15.76
CA LEU A 202 27.00 13.05 -14.75
C LEU A 202 28.49 12.84 -14.98
N ALA A 203 28.85 11.66 -15.46
CA ALA A 203 30.23 11.38 -15.81
C ALA A 203 30.74 12.32 -16.90
N GLU A 204 30.01 12.38 -18.01
CA GLU A 204 30.33 13.32 -19.08
C GLU A 204 30.24 14.74 -18.57
N LEU A 205 29.12 15.05 -17.92
CA LEU A 205 28.82 16.31 -17.23
C LEU A 205 27.47 16.90 -17.62
#